data_8ZU9
#
_entry.id   8ZU9
#
_cell.length_a   74.730
_cell.length_b   89.300
_cell.length_c   100.730
_cell.angle_alpha   90.00
_cell.angle_beta   90.00
_cell.angle_gamma   90.00
#
_symmetry.space_group_name_H-M   'P 21 21 21'
#
loop_
_entity.id
_entity.type
_entity.pdbx_description
1 polymer 'A129 heavy chain'
2 polymer 'A129 light chain'
3 polymer 'Entry-fusion complex associated protein OPG095'
4 water water
#
loop_
_entity_poly.entity_id
_entity_poly.type
_entity_poly.pdbx_seq_one_letter_code
_entity_poly.pdbx_strand_id
1 'polypeptide(L)'
;EVQLVESGGGVVQPGRSLRLSCAVSGLRLTNSGMHWVRQAPGKGLQWVAVLWSDGRNTDYEESVKGRFTISRDDSKNTLF
LEMNTVGAEDTAMYYCVTDAGGSNSWEFFFDHWGQGTMVTVSSASTKGPSVFPLAPSSKSTSGGTAALGCLVKDYFPEPV
TVSWNSGALTSGVHTFPAVLQSSGLYSLSSVVTVPSSSLGTQTYICNVNHKPSNTKVDKKVEP
;
B
2 'polypeptide(L)'
;DIQLTQSPSSVSASVGDRVTITCRASQGISSWLAWYQQKPGKAPKLLIYAASSLQSGVPSRFSGSGSGTDFTLTISSLQP
EDFATYYCQQANSFPFTFGPGTKVDIKRTVAAPSVFIFPPSDEQLKSGTASVVCLLNNFYPREAKVQWKVDNALQSGNSQ
ESVTEQDSKDSTYSLSSTLTLSKADYEKHKVYACEVTHQGLSSPVTKSFNRGEC
;
A
3 'polypeptide(L)'
;MGAAASIQTTVNTLSERISSKLEQEANASAQTKCDIEIGNFYIRQNHGCNITVKNMCSADADAQLDAVLSAATETYSGLT
PEQKAYVPAMFTAALNIQTSVNTVVRDFENYVKQTCNSSAVVDNKLKIQNVIIDECYGAPGSPTNMEFINTGSSKGNCAI
KALMQLTTKATTQIAPRQVAGHHHHHH
;
E
#
# COMPACT_ATOMS: atom_id res chain seq x y z
N GLU A 1 -2.42 26.53 2.20
CA GLU A 1 -2.63 25.11 1.91
C GLU A 1 -1.78 24.26 2.85
N VAL A 2 -2.20 23.01 3.08
CA VAL A 2 -1.49 22.12 3.98
C VAL A 2 -0.26 21.57 3.26
N GLN A 3 0.90 21.77 3.85
CA GLN A 3 2.18 21.31 3.31
C GLN A 3 2.81 20.32 4.28
N LEU A 4 3.18 19.15 3.78
CA LEU A 4 3.87 18.12 4.57
C LEU A 4 5.20 17.79 3.90
N VAL A 5 6.28 17.91 4.65
CA VAL A 5 7.62 17.84 4.08
C VAL A 5 8.46 16.84 4.88
N GLU A 6 8.71 15.67 4.29
CA GLU A 6 9.44 14.61 4.97
C GLU A 6 10.94 14.76 4.76
N SER A 7 11.68 14.23 5.73
CA SER A 7 13.11 14.09 5.61
C SER A 7 13.53 12.94 6.50
N GLY A 8 14.82 12.63 6.46
CA GLY A 8 15.37 11.53 7.23
C GLY A 8 15.61 10.26 6.43
N GLY A 9 15.17 10.18 5.19
CA GLY A 9 15.38 8.98 4.40
C GLY A 9 16.86 8.77 4.07
N GLY A 10 17.18 7.55 3.64
CA GLY A 10 18.55 7.25 3.29
C GLY A 10 18.80 5.75 3.22
N VAL A 11 20.06 5.41 3.07
CA VAL A 11 20.51 4.02 3.09
C VAL A 11 20.82 3.67 4.53
N VAL A 12 20.38 2.49 4.96
CA VAL A 12 20.57 2.04 6.33
C VAL A 12 20.78 0.52 6.34
N GLN A 13 21.62 0.05 7.29
CA GLN A 13 21.95 -1.36 7.45
C GLN A 13 20.86 -2.09 8.23
N PRO A 14 20.63 -3.37 7.91
CA PRO A 14 19.67 -4.15 8.69
C PRO A 14 19.97 -4.16 10.18
N GLY A 15 18.92 -4.30 10.96
CA GLY A 15 18.98 -4.22 12.40
C GLY A 15 19.26 -2.86 13.01
N ARG A 16 19.57 -1.82 12.23
CA ARG A 16 19.99 -0.60 12.91
C ARG A 16 18.79 0.37 12.89
N SER A 17 19.01 1.67 13.13
CA SER A 17 17.91 2.57 13.41
C SER A 17 18.00 3.82 12.55
N LEU A 18 16.85 4.49 12.46
CA LEU A 18 16.63 5.68 11.64
C LEU A 18 15.41 6.42 12.20
N ARG A 19 15.38 7.75 11.99
CA ARG A 19 14.22 8.56 12.33
C ARG A 19 13.83 9.42 11.13
N LEU A 20 12.57 9.29 10.71
CA LEU A 20 11.99 10.12 9.68
C LEU A 20 11.25 11.28 10.33
N SER A 21 11.32 12.45 9.70
CA SER A 21 10.60 13.63 10.20
C SER A 21 9.63 14.11 9.13
N CYS A 22 8.52 14.70 9.54
CA CYS A 22 7.53 15.28 8.60
C CYS A 22 7.14 16.64 9.17
N ALA A 23 7.66 17.70 8.55
CA ALA A 23 7.34 19.06 9.01
C ALA A 23 6.02 19.48 8.39
N VAL A 24 5.14 20.04 9.19
CA VAL A 24 3.78 20.28 8.75
C VAL A 24 3.47 21.77 8.83
N SER A 25 3.08 22.37 7.73
CA SER A 25 2.57 23.73 7.76
C SER A 25 1.11 23.76 7.29
N GLY A 26 0.38 24.79 7.71
CA GLY A 26 -1.01 24.94 7.32
C GLY A 26 -2.00 24.30 8.27
N LEU A 27 -1.52 23.56 9.25
CA LEU A 27 -2.39 22.81 10.19
C LEU A 27 -1.61 22.49 11.47
N ARG A 28 -2.26 22.55 12.61
CA ARG A 28 -1.62 22.18 13.87
C ARG A 28 -1.86 20.70 14.14
N LEU A 29 -0.79 19.95 14.47
CA LEU A 29 -0.92 18.52 14.77
C LEU A 29 -1.91 18.24 15.89
N THR A 30 -1.92 19.07 16.94
CA THR A 30 -2.92 18.96 18.01
C THR A 30 -4.34 18.93 17.47
N ASN A 31 -4.57 19.34 16.22
CA ASN A 31 -5.90 19.35 15.62
C ASN A 31 -6.09 18.27 14.57
N SER A 32 -5.17 17.32 14.45
CA SER A 32 -5.33 16.34 13.38
C SER A 32 -4.74 15.02 13.82
N GLY A 33 -5.48 13.92 13.60
CA GLY A 33 -4.84 12.62 13.53
C GLY A 33 -3.89 12.56 12.35
N MET A 34 -2.82 11.76 12.46
CA MET A 34 -1.74 11.67 11.47
C MET A 34 -1.37 10.20 11.27
N HIS A 35 -0.80 9.88 10.10
CA HIS A 35 -0.43 8.50 9.74
C HIS A 35 0.87 8.47 8.94
N TRP A 36 1.48 7.29 8.89
CA TRP A 36 2.53 7.02 7.91
C TRP A 36 2.10 5.86 7.02
N VAL A 37 2.37 6.00 5.73
CA VAL A 37 2.02 5.06 4.68
C VAL A 37 3.31 4.82 3.89
N ARG A 38 3.65 3.56 3.60
CA ARG A 38 4.86 3.23 2.86
C ARG A 38 4.54 2.57 1.52
N GLN A 39 5.51 2.63 0.60
CA GLN A 39 5.37 2.00 -0.72
C GLN A 39 6.72 1.42 -1.14
N ALA A 40 6.87 0.11 -1.00
CA ALA A 40 8.07 -0.57 -1.49
C ALA A 40 8.23 -0.30 -2.99
N PRO A 41 9.45 -0.34 -3.51
CA PRO A 41 9.64 -0.06 -4.94
C PRO A 41 8.86 -1.05 -5.81
N GLY A 42 8.08 -0.52 -6.75
CA GLY A 42 7.26 -1.32 -7.65
C GLY A 42 6.01 -1.88 -7.03
N LYS A 43 5.68 -1.53 -5.79
CA LYS A 43 4.53 -2.15 -5.14
C LYS A 43 3.46 -1.13 -4.75
N GLY A 44 2.44 -1.62 -4.05
CA GLY A 44 1.30 -0.84 -3.67
C GLY A 44 1.53 -0.07 -2.38
N LEU A 45 0.44 0.48 -1.86
CA LEU A 45 0.52 1.28 -0.65
C LEU A 45 0.20 0.43 0.57
N GLN A 46 0.91 0.68 1.67
CA GLN A 46 0.65 -0.07 2.90
C GLN A 46 0.62 0.89 4.08
N TRP A 47 -0.45 0.82 4.88
CA TRP A 47 -0.55 1.66 6.06
C TRP A 47 0.44 1.20 7.13
N VAL A 48 1.09 2.15 7.81
CA VAL A 48 2.13 1.82 8.78
C VAL A 48 1.69 2.09 10.22
N ALA A 49 1.23 3.32 10.50
CA ALA A 49 1.02 3.72 11.89
C ALA A 49 0.17 4.99 11.95
N VAL A 50 -0.43 5.22 13.12
CA VAL A 50 -1.29 6.38 13.34
C VAL A 50 -1.00 6.99 14.69
N LEU A 51 -0.92 8.33 14.73
CA LEU A 51 -0.78 9.08 15.97
C LEU A 51 -2.05 9.89 16.19
N TRP A 52 -2.57 9.88 17.42
CA TRP A 52 -3.78 10.63 17.74
C TRP A 52 -3.50 12.13 17.82
N SER A 53 -4.57 12.92 17.74
CA SER A 53 -4.46 14.37 17.92
C SER A 53 -3.85 14.72 19.27
N ASP A 54 -4.15 13.92 20.29
CA ASP A 54 -3.62 14.16 21.63
C ASP A 54 -2.11 13.93 21.71
N GLY A 55 -1.46 13.56 20.62
CA GLY A 55 -0.04 13.33 20.65
C GLY A 55 0.37 12.13 21.45
N ARG A 56 -0.57 11.35 21.96
CA ARG A 56 0.05 10.23 22.65
C ARG A 56 -0.50 8.86 22.30
N ASN A 57 -1.80 8.70 22.05
CA ASN A 57 -2.24 7.37 21.68
C ASN A 57 -1.76 7.01 20.28
N THR A 58 -1.60 5.71 20.02
CA THR A 58 -0.95 5.24 18.80
C THR A 58 -1.47 3.87 18.40
N ASP A 59 -1.35 3.55 17.11
CA ASP A 59 -1.50 2.17 16.71
C ASP A 59 -0.59 1.88 15.53
N TYR A 60 -0.33 0.59 15.30
CA TYR A 60 0.66 0.13 14.36
C TYR A 60 0.13 -1.04 13.54
N GLU A 61 0.58 -1.09 12.29
CA GLU A 61 0.41 -2.31 11.51
C GLU A 61 1.21 -3.44 12.19
N GLU A 62 0.70 -4.68 12.09
CA GLU A 62 1.30 -5.78 12.85
C GLU A 62 2.79 -5.93 12.56
N SER A 63 3.18 -5.82 11.29
CA SER A 63 4.54 -6.15 10.89
C SER A 63 5.59 -5.25 11.55
N VAL A 64 5.21 -4.03 11.88
CA VAL A 64 6.15 -3.04 12.38
C VAL A 64 5.95 -2.77 13.85
N LYS A 65 4.94 -3.38 14.45
CA LYS A 65 4.67 -3.17 15.86
C LYS A 65 5.83 -3.73 16.69
N GLY A 66 6.34 -2.92 17.62
CA GLY A 66 7.52 -3.25 18.37
C GLY A 66 8.76 -2.53 17.87
N ARG A 67 8.85 -2.32 16.56
CA ARG A 67 10.06 -1.78 15.97
C ARG A 67 9.95 -0.30 15.63
N PHE A 68 8.76 0.17 15.30
CA PHE A 68 8.53 1.55 14.89
C PHE A 68 7.84 2.28 16.02
N THR A 69 8.12 3.59 16.13
CA THR A 69 7.46 4.46 17.10
C THR A 69 7.02 5.75 16.41
N ILE A 70 5.73 6.04 16.43
CA ILE A 70 5.21 7.27 15.85
C ILE A 70 4.96 8.27 16.97
N SER A 71 5.44 9.49 16.78
CA SER A 71 5.34 10.53 17.79
C SER A 71 5.46 11.89 17.10
N ARG A 72 5.49 12.93 17.93
CA ARG A 72 5.59 14.31 17.39
C ARG A 72 6.23 15.29 18.36
N ASP A 73 6.65 16.44 17.84
CA ASP A 73 7.08 17.56 18.69
C ASP A 73 6.12 18.69 18.35
N ASP A 74 5.21 18.99 19.24
CA ASP A 74 4.27 20.11 19.04
C ASP A 74 5.05 21.41 18.84
N SER A 75 6.04 21.68 19.69
CA SER A 75 6.83 22.93 19.62
C SER A 75 7.27 23.18 18.18
N LYS A 76 7.48 22.11 17.44
CA LYS A 76 7.91 22.28 16.07
C LYS A 76 6.89 21.82 15.05
N ASN A 77 5.70 21.38 15.48
CA ASN A 77 4.68 20.92 14.57
C ASN A 77 5.27 19.91 13.58
N THR A 78 5.97 18.92 14.13
CA THR A 78 6.67 17.96 13.31
C THR A 78 6.27 16.57 13.75
N LEU A 79 5.99 15.71 12.77
CA LEU A 79 5.65 14.30 13.05
C LEU A 79 6.87 13.43 12.79
N PHE A 80 7.02 12.37 13.56
CA PHE A 80 8.22 11.51 13.43
C PHE A 80 7.88 10.04 13.35
N LEU A 81 8.69 9.28 12.62
CA LEU A 81 8.59 7.81 12.65
C LEU A 81 9.96 7.30 13.04
N GLU A 82 10.03 6.64 14.18
CA GLU A 82 11.30 6.09 14.66
C GLU A 82 11.32 4.62 14.27
N MET A 83 12.26 4.24 13.42
CA MET A 83 12.36 2.86 12.95
C MET A 83 13.59 2.29 13.62
N ASN A 84 13.42 1.25 14.41
CA ASN A 84 14.55 0.76 15.23
C ASN A 84 15.16 -0.57 14.76
N THR A 85 14.40 -1.53 14.27
CA THR A 85 14.99 -2.82 13.93
C THR A 85 14.73 -3.13 12.46
N VAL A 86 15.34 -2.32 11.60
CA VAL A 86 14.98 -2.36 10.19
C VAL A 86 15.49 -3.65 9.55
N GLY A 87 14.63 -4.31 8.79
CA GLY A 87 15.03 -5.36 7.87
C GLY A 87 14.80 -4.90 6.44
N ALA A 88 15.34 -5.68 5.50
CA ALA A 88 15.23 -5.30 4.09
C ALA A 88 13.80 -5.26 3.61
N GLU A 89 12.86 -5.83 4.37
CA GLU A 89 11.45 -5.70 4.06
C GLU A 89 10.95 -4.28 4.30
N ASP A 90 11.73 -3.42 4.96
CA ASP A 90 11.28 -2.08 5.26
C ASP A 90 11.66 -1.09 4.19
N THR A 91 12.41 -1.52 3.17
CA THR A 91 12.75 -0.67 2.05
C THR A 91 11.47 -0.11 1.44
N ALA A 92 11.36 1.23 1.40
CA ALA A 92 10.15 1.82 0.85
C ALA A 92 10.24 3.34 0.82
N MET A 93 9.43 3.94 -0.04
CA MET A 93 9.06 5.36 0.05
C MET A 93 8.09 5.53 1.22
N TYR A 94 8.45 6.40 2.16
CA TYR A 94 7.60 6.60 3.35
C TYR A 94 6.86 7.94 3.23
N TYR A 95 5.55 7.87 3.23
CA TYR A 95 4.70 9.07 3.07
C TYR A 95 4.01 9.44 4.38
N CYS A 96 4.23 10.67 4.80
CA CYS A 96 3.50 11.19 5.98
C CYS A 96 2.15 11.69 5.46
N VAL A 97 1.07 11.44 6.18
CA VAL A 97 -0.28 11.82 5.70
C VAL A 97 -1.16 12.28 6.86
N THR A 98 -2.20 13.00 6.52
CA THR A 98 -3.16 13.47 7.53
C THR A 98 -4.42 12.63 7.52
N ASP A 99 -4.87 12.19 8.68
CA ASP A 99 -6.24 11.74 8.75
C ASP A 99 -7.15 12.92 8.46
N ALA A 100 -8.18 12.71 7.63
CA ALA A 100 -9.12 13.80 7.36
C ALA A 100 -9.85 14.22 8.64
N GLY A 101 -9.78 13.38 9.70
CA GLY A 101 -10.43 13.71 10.96
C GLY A 101 -9.59 14.59 11.85
N GLY A 102 -10.25 15.28 12.77
CA GLY A 102 -9.58 16.22 13.64
C GLY A 102 -9.61 15.76 15.09
N SER A 103 -9.60 16.70 16.03
CA SER A 103 -9.47 16.28 17.41
C SER A 103 -10.71 15.59 17.96
N ASN A 104 -11.84 15.61 17.25
CA ASN A 104 -13.06 14.98 17.76
C ASN A 104 -13.66 13.98 16.77
N SER A 105 -12.91 13.55 15.75
CA SER A 105 -13.44 12.62 14.78
C SER A 105 -12.31 11.82 14.15
N TRP A 106 -12.68 10.67 13.59
CA TRP A 106 -11.77 9.85 12.80
C TRP A 106 -12.42 9.56 11.46
N GLU A 107 -11.66 9.72 10.39
CA GLU A 107 -12.11 9.31 9.07
C GLU A 107 -11.30 8.14 8.50
N PHE A 108 -10.03 7.99 8.86
CA PHE A 108 -9.28 6.85 8.33
C PHE A 108 -9.17 6.92 6.82
N PHE A 109 -9.13 8.11 6.26
CA PHE A 109 -8.62 8.24 4.91
C PHE A 109 -7.75 9.48 4.91
N PHE A 110 -6.93 9.60 3.88
CA PHE A 110 -5.70 10.39 3.96
C PHE A 110 -5.77 11.53 2.95
N ASP A 111 -6.18 12.71 3.42
CA ASP A 111 -6.52 13.81 2.50
C ASP A 111 -5.32 14.66 2.11
N HIS A 112 -4.25 14.66 2.92
CA HIS A 112 -3.01 15.33 2.55
C HIS A 112 -1.84 14.36 2.70
N TRP A 113 -0.93 14.42 1.73
CA TRP A 113 0.20 13.54 1.60
C TRP A 113 1.47 14.36 1.45
N GLY A 114 2.55 13.93 2.10
CA GLY A 114 3.83 14.56 1.86
C GLY A 114 4.43 14.11 0.54
N GLN A 115 5.55 14.71 0.19
CA GLN A 115 6.18 14.34 -1.06
C GLN A 115 6.89 12.99 -1.01
N GLY A 116 7.14 12.46 0.18
CA GLY A 116 7.76 11.16 0.29
C GLY A 116 9.23 11.26 0.66
N THR A 117 9.71 10.26 1.40
CA THR A 117 11.12 10.12 1.70
C THR A 117 11.49 8.64 1.62
N MET A 118 12.53 8.33 0.86
CA MET A 118 12.92 6.95 0.53
C MET A 118 13.88 6.34 1.55
N VAL A 119 13.54 5.17 2.06
CA VAL A 119 14.41 4.40 2.93
C VAL A 119 14.78 3.12 2.22
N THR A 120 16.07 2.92 2.04
CA THR A 120 16.63 1.70 1.46
C THR A 120 17.40 0.98 2.55
N VAL A 121 16.99 -0.24 2.87
CA VAL A 121 17.62 -1.05 3.89
C VAL A 121 18.38 -2.18 3.20
N SER A 122 19.71 -2.19 3.33
CA SER A 122 20.52 -3.20 2.64
C SER A 122 21.86 -3.44 3.35
N SER A 123 22.35 -4.66 3.21
CA SER A 123 23.67 -5.00 3.72
C SER A 123 24.78 -4.65 2.75
N ALA A 124 24.47 -4.20 1.53
CA ALA A 124 25.52 -3.90 0.55
C ALA A 124 26.36 -2.69 0.97
N SER A 125 27.61 -2.72 0.55
CA SER A 125 28.47 -1.55 0.65
C SER A 125 28.33 -0.72 -0.63
N THR A 126 28.59 0.57 -0.52
CA THR A 126 28.62 1.40 -1.73
C THR A 126 29.56 0.76 -2.74
N LYS A 127 29.15 0.76 -4.02
CA LYS A 127 29.96 0.19 -5.11
C LYS A 127 29.63 0.87 -6.44
N GLY A 128 30.66 1.31 -7.17
CA GLY A 128 30.47 1.83 -8.49
C GLY A 128 30.09 0.73 -9.48
N PRO A 129 29.36 1.07 -10.54
CA PRO A 129 29.00 0.06 -11.53
C PRO A 129 30.19 -0.30 -12.39
N SER A 130 30.12 -1.46 -12.99
CA SER A 130 31.01 -1.75 -14.10
C SER A 130 30.12 -1.83 -15.32
N VAL A 131 30.62 -1.33 -16.43
CA VAL A 131 29.79 -0.96 -17.55
C VAL A 131 30.22 -1.82 -18.73
N PHE A 132 29.28 -2.55 -19.31
CA PHE A 132 29.59 -3.52 -20.33
C PHE A 132 28.88 -3.16 -21.63
N PRO A 133 29.56 -3.29 -22.77
CA PRO A 133 28.94 -2.91 -24.03
C PRO A 133 27.81 -3.87 -24.41
N LEU A 134 26.73 -3.33 -24.97
CA LEU A 134 25.71 -4.08 -25.67
C LEU A 134 25.94 -3.79 -27.16
N ALA A 135 26.77 -4.62 -27.80
CA ALA A 135 27.33 -4.21 -29.08
C ALA A 135 26.32 -4.36 -30.21
N PRO A 136 26.26 -3.42 -31.15
CA PRO A 136 25.38 -3.59 -32.32
C PRO A 136 25.86 -4.77 -33.14
N SER A 137 24.92 -5.53 -33.70
CA SER A 137 25.28 -6.64 -34.56
C SER A 137 24.12 -6.91 -35.51
N SER A 138 24.25 -8.00 -36.26
CA SER A 138 23.15 -8.44 -37.10
C SER A 138 21.94 -8.85 -36.26
N LYS A 139 22.20 -9.42 -35.06
CA LYS A 139 21.12 -9.75 -34.13
C LYS A 139 20.42 -8.54 -33.54
N SER A 140 20.95 -7.33 -33.69
CA SER A 140 20.33 -6.14 -33.12
C SER A 140 19.98 -5.11 -34.20
N THR A 141 19.82 -5.55 -35.43
CA THR A 141 19.62 -4.66 -36.55
C THR A 141 18.42 -5.12 -37.36
N SER A 142 17.62 -4.15 -37.79
CA SER A 142 16.46 -4.35 -38.65
C SER A 142 16.47 -3.26 -39.72
N GLY A 143 16.58 -3.67 -40.99
CA GLY A 143 16.75 -2.73 -42.09
C GLY A 143 17.74 -1.62 -41.77
N GLY A 144 17.24 -0.40 -41.72
CA GLY A 144 18.14 0.72 -41.51
C GLY A 144 18.75 0.74 -40.12
N THR A 145 17.97 0.39 -39.10
CA THR A 145 18.30 0.72 -37.72
C THR A 145 19.03 -0.42 -37.02
N ALA A 146 20.10 -0.07 -36.33
CA ALA A 146 20.80 -0.94 -35.40
C ALA A 146 20.50 -0.46 -33.99
N ALA A 147 20.34 -1.41 -33.07
CA ALA A 147 20.19 -1.12 -31.66
C ALA A 147 21.49 -1.47 -30.94
N LEU A 148 21.83 -0.67 -29.93
CA LEU A 148 23.04 -0.91 -29.14
C LEU A 148 22.85 -0.24 -27.79
N GLY A 149 23.74 -0.56 -26.85
CA GLY A 149 23.66 0.09 -25.55
C GLY A 149 24.72 -0.36 -24.58
N CYS A 150 24.42 -0.15 -23.30
CA CYS A 150 25.34 -0.42 -22.20
C CYS A 150 24.60 -1.16 -21.10
N LEU A 151 25.21 -2.22 -20.59
CA LEU A 151 24.72 -2.92 -19.41
C LEU A 151 25.46 -2.38 -18.18
N VAL A 152 24.73 -1.74 -17.28
CA VAL A 152 25.33 -1.06 -16.14
C VAL A 152 25.12 -1.97 -14.93
N LYS A 153 26.12 -2.79 -14.61
CA LYS A 153 25.90 -3.90 -13.71
C LYS A 153 26.61 -3.70 -12.38
N ASP A 154 25.96 -4.21 -11.32
CA ASP A 154 26.55 -4.40 -9.98
C ASP A 154 26.96 -3.10 -9.31
N TYR A 155 25.99 -2.21 -9.10
CA TYR A 155 26.29 -0.94 -8.42
C TYR A 155 25.36 -0.82 -7.23
N PHE A 156 25.75 0.00 -6.27
CA PHE A 156 24.96 0.23 -5.04
C PHE A 156 25.35 1.60 -4.47
N PRO A 157 24.40 2.44 -4.03
CA PRO A 157 22.97 2.22 -4.27
C PRO A 157 22.37 3.00 -5.43
N GLU A 158 21.04 2.99 -5.60
CA GLU A 158 20.47 3.92 -6.58
C GLU A 158 20.79 5.36 -6.18
N PRO A 159 20.83 6.29 -7.17
CA PRO A 159 20.62 5.99 -8.58
C PRO A 159 21.88 6.08 -9.42
N VAL A 160 21.75 5.68 -10.67
CA VAL A 160 22.74 5.93 -11.71
C VAL A 160 22.10 6.81 -12.77
N THR A 161 22.82 7.82 -13.23
CA THR A 161 22.37 8.54 -14.43
C THR A 161 23.16 8.04 -15.64
N VAL A 162 22.52 8.08 -16.80
CA VAL A 162 23.10 7.60 -18.05
C VAL A 162 22.74 8.56 -19.18
N SER A 163 23.75 9.02 -19.91
CA SER A 163 23.50 9.75 -21.15
C SER A 163 24.33 9.12 -22.28
N TRP A 164 24.11 9.60 -23.50
CA TRP A 164 24.87 9.09 -24.64
C TRP A 164 25.59 10.25 -25.34
N ASN A 165 26.88 10.08 -25.59
CA ASN A 165 27.71 11.12 -26.21
C ASN A 165 27.51 12.46 -25.50
N SER A 166 27.74 12.46 -24.19
CA SER A 166 27.68 13.68 -23.39
C SER A 166 26.35 14.40 -23.56
N GLY A 167 25.29 13.65 -23.83
CA GLY A 167 24.00 14.25 -24.02
C GLY A 167 23.73 14.72 -25.44
N ALA A 168 24.69 14.62 -26.34
CA ALA A 168 24.40 14.99 -27.74
C ALA A 168 23.41 14.01 -28.40
N LEU A 169 23.38 12.76 -27.93
CA LEU A 169 22.42 11.75 -28.45
C LEU A 169 21.28 11.63 -27.46
N THR A 170 20.08 11.92 -27.91
CA THR A 170 18.89 11.85 -27.03
C THR A 170 17.76 11.11 -27.72
N SER A 171 17.71 11.18 -29.05
CA SER A 171 16.54 10.61 -29.70
C SER A 171 16.65 9.09 -29.75
N GLY A 172 15.55 8.41 -29.45
CA GLY A 172 15.55 6.95 -29.48
C GLY A 172 16.34 6.29 -28.36
N VAL A 173 16.76 7.03 -27.36
CA VAL A 173 17.37 6.42 -26.19
C VAL A 173 16.27 5.87 -25.28
N HIS A 174 16.47 4.67 -24.77
CA HIS A 174 15.63 4.12 -23.72
C HIS A 174 16.55 3.64 -22.60
N THR A 175 16.43 4.27 -21.42
CA THR A 175 17.21 3.89 -20.24
C THR A 175 16.23 3.33 -19.22
N PHE A 176 16.37 2.04 -18.98
CA PHE A 176 15.37 1.27 -18.20
C PHE A 176 15.54 1.38 -16.70
N PRO A 177 14.45 1.12 -15.98
CA PRO A 177 14.52 1.08 -14.54
C PRO A 177 15.53 0.00 -14.11
N ALA A 178 16.15 0.22 -12.97
CA ALA A 178 17.12 -0.76 -12.49
C ALA A 178 16.41 -1.95 -11.83
N VAL A 179 17.10 -3.07 -11.86
CA VAL A 179 16.58 -4.22 -11.15
C VAL A 179 17.51 -4.49 -9.97
N LEU A 180 16.95 -5.07 -8.90
CA LEU A 180 17.70 -5.40 -7.70
C LEU A 180 18.03 -6.89 -7.75
N GLN A 181 19.31 -7.22 -7.92
CA GLN A 181 19.66 -8.61 -8.13
C GLN A 181 19.72 -9.35 -6.79
N SER A 182 19.67 -10.68 -6.89
CA SER A 182 19.79 -11.48 -5.68
C SER A 182 21.10 -11.22 -4.96
N SER A 183 22.04 -10.56 -5.62
CA SER A 183 23.29 -10.19 -4.98
C SER A 183 23.17 -8.97 -4.08
N GLY A 184 22.03 -8.30 -4.05
CA GLY A 184 21.94 -7.04 -3.33
C GLY A 184 22.41 -5.82 -4.11
N LEU A 185 22.90 -6.00 -5.33
CA LEU A 185 23.36 -4.88 -6.16
C LEU A 185 22.38 -4.65 -7.32
N TYR A 186 22.26 -3.39 -7.72
CA TYR A 186 21.38 -3.03 -8.82
C TYR A 186 22.07 -3.25 -10.16
N SER A 187 21.24 -3.42 -11.19
CA SER A 187 21.70 -3.53 -12.55
C SER A 187 20.65 -2.89 -13.45
N LEU A 188 21.08 -2.23 -14.52
CA LEU A 188 20.17 -1.64 -15.48
C LEU A 188 20.84 -1.54 -16.84
N SER A 189 20.03 -1.26 -17.85
CA SER A 189 20.52 -1.17 -19.20
C SER A 189 20.00 0.11 -19.84
N SER A 190 20.79 0.67 -20.74
CA SER A 190 20.40 1.81 -21.55
C SER A 190 20.70 1.47 -23.00
N VAL A 191 19.67 1.55 -23.82
CA VAL A 191 19.81 1.16 -25.23
C VAL A 191 19.44 2.35 -26.12
N VAL A 192 19.95 2.32 -27.34
CA VAL A 192 19.68 3.38 -28.32
C VAL A 192 19.63 2.75 -29.72
N THR A 193 18.66 3.17 -30.51
CA THR A 193 18.66 2.79 -31.91
C THR A 193 19.16 3.96 -32.75
N VAL A 194 19.99 3.66 -33.72
CA VAL A 194 20.65 4.67 -34.55
C VAL A 194 20.57 4.16 -36.00
N PRO A 195 20.93 4.97 -37.00
CA PRO A 195 20.95 4.45 -38.36
C PRO A 195 22.07 3.43 -38.52
N SER A 196 21.74 2.27 -39.07
CA SER A 196 22.78 1.23 -39.20
C SER A 196 24.00 1.74 -39.96
N SER A 197 23.82 2.69 -40.85
CA SER A 197 24.93 3.25 -41.67
C SER A 197 25.92 4.01 -40.79
N SER A 198 25.46 4.67 -39.75
CA SER A 198 26.29 5.53 -38.88
C SER A 198 27.33 4.72 -38.13
N LEU A 199 27.30 3.39 -38.26
CA LEU A 199 28.19 2.52 -37.44
C LEU A 199 29.68 2.79 -37.74
N GLY A 200 30.00 3.38 -38.90
CA GLY A 200 31.41 3.69 -39.19
C GLY A 200 31.71 5.18 -39.16
N THR A 201 30.67 6.00 -39.11
CA THR A 201 30.82 7.47 -39.15
C THR A 201 30.76 8.09 -37.74
N GLN A 202 30.06 7.45 -36.81
CA GLN A 202 29.87 8.06 -35.47
C GLN A 202 30.18 7.05 -34.38
N THR A 203 31.15 7.37 -33.54
CA THR A 203 31.38 6.55 -32.37
C THR A 203 30.32 6.87 -31.32
N TYR A 204 29.92 5.86 -30.57
CA TYR A 204 28.86 5.96 -29.59
C TYR A 204 29.44 5.63 -28.22
N ILE A 205 29.23 6.53 -27.26
CA ILE A 205 29.79 6.34 -25.93
C ILE A 205 28.68 6.59 -24.91
N CYS A 206 28.49 5.66 -23.98
CA CYS A 206 27.54 5.92 -22.93
C CYS A 206 28.29 6.45 -21.71
N ASN A 207 27.71 7.46 -21.09
CA ASN A 207 28.32 8.20 -19.98
C ASN A 207 27.54 7.83 -18.73
N VAL A 208 28.16 7.07 -17.84
CA VAL A 208 27.47 6.50 -16.68
C VAL A 208 27.99 7.21 -15.43
N ASN A 209 27.08 7.88 -14.75
CA ASN A 209 27.41 8.62 -13.51
C ASN A 209 26.76 7.97 -12.29
N HIS A 210 27.58 7.56 -11.32
CA HIS A 210 27.10 6.96 -10.06
C HIS A 210 27.61 7.84 -8.93
N LYS A 211 26.81 8.83 -8.55
CA LYS A 211 27.30 9.81 -7.58
C LYS A 211 27.68 9.21 -6.23
N PRO A 212 26.95 8.22 -5.69
CA PRO A 212 27.31 7.73 -4.33
C PRO A 212 28.73 7.17 -4.24
N SER A 213 29.27 6.61 -5.32
CA SER A 213 30.63 6.12 -5.34
C SER A 213 31.60 7.11 -5.97
N ASN A 214 31.11 8.27 -6.43
CA ASN A 214 31.93 9.26 -7.14
C ASN A 214 32.48 8.70 -8.45
N THR A 215 31.64 7.93 -9.14
CA THR A 215 32.06 7.17 -10.33
C THR A 215 31.40 7.73 -11.58
N LYS A 216 32.26 7.93 -12.58
CA LYS A 216 31.82 8.30 -13.93
C LYS A 216 32.61 7.39 -14.88
N VAL A 217 31.92 6.59 -15.70
CA VAL A 217 32.53 5.72 -16.70
C VAL A 217 32.01 6.16 -18.06
N ASP A 218 32.90 6.25 -19.06
CA ASP A 218 32.53 6.50 -20.43
C ASP A 218 32.89 5.26 -21.22
N LYS A 219 31.88 4.50 -21.66
CA LYS A 219 32.10 3.22 -22.31
C LYS A 219 31.78 3.36 -23.81
N LYS A 220 32.80 3.13 -24.63
CA LYS A 220 32.65 3.11 -26.09
C LYS A 220 32.04 1.79 -26.52
N VAL A 221 30.90 1.86 -27.21
CA VAL A 221 30.23 0.62 -27.67
C VAL A 221 30.49 0.45 -29.17
N GLU A 222 31.24 -0.57 -29.52
CA GLU A 222 31.61 -0.83 -30.93
C GLU A 222 31.03 -2.14 -31.45
N PRO A 223 30.72 -2.21 -32.75
CA PRO A 223 30.25 -3.42 -33.44
C PRO A 223 31.00 -4.68 -32.99
N ASP B 1 -7.71 -9.69 8.15
CA ASP B 1 -7.61 -8.39 7.45
C ASP B 1 -8.56 -8.32 6.24
N ILE B 2 -8.84 -7.10 5.78
CA ILE B 2 -9.77 -6.91 4.66
C ILE B 2 -8.94 -6.81 3.40
N GLN B 3 -9.24 -7.71 2.48
CA GLN B 3 -8.59 -7.82 1.18
C GLN B 3 -9.37 -6.95 0.21
N LEU B 4 -8.67 -6.10 -0.54
CA LEU B 4 -9.31 -5.37 -1.63
C LEU B 4 -8.71 -5.80 -2.96
N THR B 5 -9.56 -6.25 -3.88
CA THR B 5 -9.17 -6.58 -5.24
C THR B 5 -9.70 -5.54 -6.23
N GLN B 6 -8.99 -5.36 -7.36
CA GLN B 6 -9.36 -4.35 -8.34
C GLN B 6 -9.35 -4.88 -9.77
N SER B 7 -10.39 -4.52 -10.54
CA SER B 7 -10.58 -4.94 -11.92
C SER B 7 -10.95 -3.78 -12.82
N PRO B 8 -10.48 -3.75 -14.08
CA PRO B 8 -9.41 -4.59 -14.66
C PRO B 8 -8.07 -4.24 -14.00
N SER B 9 -7.06 -5.11 -14.14
CA SER B 9 -5.72 -4.80 -13.63
C SER B 9 -5.09 -3.64 -14.41
N SER B 10 -5.45 -3.51 -15.67
CA SER B 10 -5.08 -2.31 -16.41
C SER B 10 -6.16 -2.00 -17.45
N VAL B 11 -6.01 -0.84 -18.06
CA VAL B 11 -6.99 -0.32 -19.00
C VAL B 11 -6.32 0.73 -19.86
N SER B 12 -6.64 0.72 -21.14
CA SER B 12 -6.10 1.66 -22.10
C SER B 12 -7.25 2.47 -22.69
N ALA B 13 -7.05 3.77 -22.84
CA ALA B 13 -8.14 4.64 -23.26
C ALA B 13 -7.60 5.80 -24.07
N SER B 14 -8.49 6.34 -24.90
CA SER B 14 -8.27 7.57 -25.63
C SER B 14 -8.82 8.73 -24.82
N VAL B 15 -8.33 9.94 -25.12
CA VAL B 15 -8.84 11.14 -24.48
C VAL B 15 -10.33 11.31 -24.83
N GLY B 16 -11.18 11.37 -23.81
CA GLY B 16 -12.61 11.45 -24.03
C GLY B 16 -13.34 10.16 -23.72
N ASP B 17 -12.64 9.05 -23.56
CA ASP B 17 -13.29 7.79 -23.21
C ASP B 17 -13.94 7.88 -21.82
N ARG B 18 -15.05 7.17 -21.65
CA ARG B 18 -15.57 6.88 -20.32
C ARG B 18 -14.79 5.67 -19.79
N VAL B 19 -14.23 5.79 -18.58
CA VAL B 19 -13.47 4.71 -17.96
C VAL B 19 -14.03 4.41 -16.58
N THR B 20 -14.22 3.13 -16.28
CA THR B 20 -14.76 2.65 -14.99
C THR B 20 -13.86 1.55 -14.41
N ILE B 21 -13.40 1.72 -13.17
CA ILE B 21 -12.55 0.76 -12.42
C ILE B 21 -13.38 0.23 -11.28
N THR B 22 -13.21 -1.01 -10.88
CA THR B 22 -14.02 -1.66 -9.83
C THR B 22 -13.14 -2.04 -8.64
N CYS B 23 -13.68 -2.03 -7.43
CA CYS B 23 -12.99 -2.45 -6.22
C CYS B 23 -13.96 -3.31 -5.42
N ARG B 24 -13.53 -4.52 -5.07
CA ARG B 24 -14.35 -5.49 -4.36
C ARG B 24 -13.66 -5.79 -3.05
N ALA B 25 -14.38 -5.65 -1.94
CA ALA B 25 -13.84 -5.90 -0.61
C ALA B 25 -14.19 -7.31 -0.12
N SER B 26 -13.25 -7.94 0.58
CA SER B 26 -13.50 -9.30 1.05
C SER B 26 -14.60 -9.34 2.10
N GLN B 27 -14.95 -8.20 2.70
CA GLN B 27 -16.00 -8.15 3.71
C GLN B 27 -16.76 -6.84 3.55
N GLY B 28 -18.00 -6.81 4.04
CA GLY B 28 -18.75 -5.57 4.00
C GLY B 28 -18.02 -4.47 4.72
N ILE B 29 -17.98 -3.29 4.10
CA ILE B 29 -17.39 -2.09 4.72
C ILE B 29 -18.27 -0.86 4.56
N SER B 30 -19.55 -1.06 4.26
CA SER B 30 -20.52 0.06 4.21
C SER B 30 -20.01 1.02 3.15
N SER B 31 -19.73 2.29 3.50
CA SER B 31 -19.22 3.28 2.56
C SER B 31 -17.84 3.80 2.94
N TRP B 32 -17.12 3.05 3.79
CA TRP B 32 -15.80 3.44 4.28
C TRP B 32 -14.75 3.07 3.24
N LEU B 33 -14.79 3.75 2.10
CA LEU B 33 -13.90 3.41 1.01
C LEU B 33 -13.48 4.68 0.29
N ALA B 34 -12.21 4.78 -0.02
CA ALA B 34 -11.66 5.94 -0.70
C ALA B 34 -10.87 5.48 -1.91
N TRP B 35 -10.64 6.42 -2.83
CA TRP B 35 -9.83 6.19 -4.01
C TRP B 35 -8.71 7.22 -4.07
N TYR B 36 -7.51 6.79 -4.44
CA TYR B 36 -6.39 7.71 -4.63
C TYR B 36 -5.84 7.59 -6.04
N GLN B 37 -5.32 8.71 -6.56
CA GLN B 37 -4.60 8.74 -7.82
C GLN B 37 -3.11 8.92 -7.58
N GLN B 38 -2.28 8.20 -8.34
CA GLN B 38 -0.84 8.32 -8.22
C GLN B 38 -0.17 8.24 -9.59
N LYS B 39 0.83 9.08 -9.76
CA LYS B 39 1.59 9.16 -10.99
C LYS B 39 3.06 8.84 -10.73
N PRO B 40 3.83 8.45 -11.75
CA PRO B 40 5.18 7.94 -11.52
C PRO B 40 6.05 8.98 -10.81
N GLY B 41 6.67 8.54 -9.73
CA GLY B 41 7.52 9.39 -8.98
C GLY B 41 6.84 10.27 -7.94
N LYS B 42 5.51 10.22 -7.82
CA LYS B 42 4.80 11.23 -7.05
C LYS B 42 3.92 10.60 -5.96
N ALA B 43 3.62 11.41 -4.94
CA ALA B 43 2.73 10.99 -3.87
C ALA B 43 1.31 10.72 -4.38
N PRO B 44 0.61 9.69 -3.81
CA PRO B 44 -0.82 9.56 -4.08
C PRO B 44 -1.55 10.86 -3.80
N LYS B 45 -2.72 11.04 -4.42
CA LYS B 45 -3.61 12.14 -4.08
C LYS B 45 -5.04 11.62 -3.97
N LEU B 46 -5.77 12.14 -2.98
CA LEU B 46 -7.11 11.65 -2.69
C LEU B 46 -8.09 12.22 -3.69
N LEU B 47 -8.96 11.37 -4.20
CA LEU B 47 -9.98 11.81 -5.16
C LEU B 47 -11.39 11.73 -4.59
N ILE B 48 -11.73 10.61 -3.99
CA ILE B 48 -13.09 10.27 -3.59
C ILE B 48 -12.99 9.74 -2.16
N TYR B 49 -13.91 10.14 -1.32
CA TYR B 49 -14.02 9.64 0.06
C TYR B 49 -15.45 9.19 0.29
N ALA B 50 -15.67 8.35 1.29
CA ALA B 50 -16.99 7.84 1.68
C ALA B 50 -17.69 7.25 0.45
N ALA B 51 -16.96 6.60 -0.44
CA ALA B 51 -17.48 5.93 -1.65
C ALA B 51 -17.89 6.87 -2.80
N SER B 52 -18.65 7.93 -2.55
CA SER B 52 -19.26 8.80 -3.59
C SER B 52 -18.97 10.30 -3.44
N SER B 53 -18.24 10.72 -2.43
CA SER B 53 -18.01 12.14 -2.16
C SER B 53 -16.72 12.55 -2.88
N LEU B 54 -16.81 13.50 -3.82
CA LEU B 54 -15.65 13.98 -4.54
C LEU B 54 -14.86 14.93 -3.65
N GLN B 55 -13.55 14.76 -3.61
CA GLN B 55 -12.74 15.64 -2.80
C GLN B 55 -12.68 17.03 -3.46
N SER B 56 -12.71 18.07 -2.63
CA SER B 56 -12.78 19.42 -3.16
C SER B 56 -11.55 19.69 -4.02
N GLY B 57 -11.77 20.35 -5.16
CA GLY B 57 -10.73 20.62 -6.10
C GLY B 57 -10.60 19.57 -7.20
N VAL B 58 -10.96 18.33 -6.91
CA VAL B 58 -10.79 17.25 -7.91
C VAL B 58 -11.74 17.50 -9.08
N PRO B 59 -11.32 17.30 -10.32
CA PRO B 59 -12.20 17.62 -11.47
C PRO B 59 -13.52 16.86 -11.44
N SER B 60 -14.57 17.54 -11.93
CA SER B 60 -15.93 17.01 -11.81
C SER B 60 -16.16 15.73 -12.60
N ARG B 61 -15.25 15.37 -13.51
CA ARG B 61 -15.42 14.18 -14.32
C ARG B 61 -15.11 12.91 -13.54
N PHE B 62 -14.64 13.02 -12.30
CA PHE B 62 -14.45 11.86 -11.44
C PHE B 62 -15.71 11.65 -10.60
N SER B 63 -16.12 10.39 -10.46
CA SER B 63 -17.17 10.05 -9.52
C SER B 63 -16.95 8.62 -9.02
N GLY B 64 -17.56 8.32 -7.86
CA GLY B 64 -17.55 6.96 -7.35
C GLY B 64 -18.93 6.53 -6.90
N SER B 65 -19.14 5.20 -6.84
CA SER B 65 -20.35 4.73 -6.20
C SER B 65 -20.18 3.35 -5.58
N GLY B 66 -21.22 2.95 -4.89
CA GLY B 66 -21.29 1.64 -4.25
C GLY B 66 -21.31 1.74 -2.76
N SER B 67 -21.60 0.60 -2.14
CA SER B 67 -21.60 0.40 -0.70
C SER B 67 -21.66 -1.10 -0.48
N GLY B 68 -21.13 -1.55 0.66
CA GLY B 68 -21.06 -2.97 0.95
C GLY B 68 -19.71 -3.59 0.59
N THR B 69 -19.68 -4.40 -0.47
CA THR B 69 -18.46 -5.02 -0.91
C THR B 69 -17.95 -4.53 -2.27
N ASP B 70 -18.82 -4.01 -3.14
CA ASP B 70 -18.44 -3.73 -4.51
C ASP B 70 -18.56 -2.23 -4.80
N PHE B 71 -17.48 -1.64 -5.32
CA PHE B 71 -17.40 -0.21 -5.53
C PHE B 71 -16.84 0.09 -6.91
N THR B 72 -17.15 1.31 -7.36
CA THR B 72 -16.77 1.75 -8.68
C THR B 72 -16.22 3.14 -8.62
N LEU B 73 -15.31 3.45 -9.51
CA LEU B 73 -14.72 4.74 -9.75
C LEU B 73 -14.79 4.97 -11.25
N THR B 74 -15.42 6.06 -11.66
CA THR B 74 -15.66 6.33 -13.07
C THR B 74 -14.99 7.65 -13.42
N ILE B 75 -14.36 7.70 -14.60
CA ILE B 75 -13.91 8.95 -15.19
C ILE B 75 -14.73 9.17 -16.44
N SER B 76 -15.56 10.21 -16.43
CA SER B 76 -16.58 10.33 -17.46
C SER B 76 -16.00 10.68 -18.81
N SER B 77 -14.82 11.31 -18.82
CA SER B 77 -14.22 11.75 -20.08
C SER B 77 -12.73 11.92 -19.82
N LEU B 78 -11.99 10.84 -20.00
CA LEU B 78 -10.59 10.81 -19.62
C LEU B 78 -9.84 11.94 -20.31
N GLN B 79 -8.94 12.56 -19.56
CA GLN B 79 -8.13 13.67 -20.01
C GLN B 79 -6.66 13.31 -19.89
N PRO B 80 -5.79 13.91 -20.72
CA PRO B 80 -4.35 13.54 -20.68
C PRO B 80 -3.79 13.46 -19.27
N GLU B 81 -4.21 14.39 -18.40
CA GLU B 81 -3.69 14.40 -17.06
C GLU B 81 -4.26 13.28 -16.18
N ASP B 82 -5.25 12.50 -16.65
CA ASP B 82 -5.80 11.41 -15.84
C ASP B 82 -5.07 10.09 -16.02
N PHE B 83 -4.17 9.97 -16.98
CA PHE B 83 -3.37 8.73 -17.21
C PHE B 83 -2.50 8.50 -15.97
N ALA B 84 -2.80 7.50 -15.16
CA ALA B 84 -2.14 7.25 -13.87
C ALA B 84 -2.58 5.92 -13.29
N THR B 85 -2.08 5.53 -12.14
CA THR B 85 -2.51 4.31 -11.43
C THR B 85 -3.54 4.74 -10.38
N TYR B 86 -4.59 3.98 -10.15
CA TYR B 86 -5.65 4.32 -9.18
C TYR B 86 -5.71 3.26 -8.10
N TYR B 87 -5.79 3.64 -6.83
CA TYR B 87 -5.89 2.72 -5.71
C TYR B 87 -7.17 3.01 -4.94
N CYS B 88 -7.91 1.96 -4.57
CA CYS B 88 -8.99 2.06 -3.59
C CYS B 88 -8.45 1.74 -2.18
N GLN B 89 -9.16 2.21 -1.16
CA GLN B 89 -8.70 2.01 0.20
C GLN B 89 -9.86 1.94 1.17
N GLN B 90 -9.83 0.96 2.08
CA GLN B 90 -10.89 0.76 3.05
C GLN B 90 -10.58 1.46 4.37
N ALA B 91 -11.61 2.04 4.97
CA ALA B 91 -11.51 2.88 6.17
C ALA B 91 -12.33 2.27 7.30
N ASN B 92 -12.71 1.00 7.15
CA ASN B 92 -13.60 0.31 8.11
C ASN B 92 -12.87 -0.17 9.36
N SER B 93 -11.66 -0.72 9.24
CA SER B 93 -11.01 -1.29 10.41
C SER B 93 -9.52 -1.55 10.15
N PHE B 94 -8.76 -1.67 11.24
CA PHE B 94 -7.31 -1.86 11.17
C PHE B 94 -6.97 -3.26 10.68
N PRO B 95 -5.84 -3.41 9.96
CA PRO B 95 -5.04 -2.32 9.37
C PRO B 95 -5.80 -1.73 8.19
N PHE B 96 -5.70 -0.44 7.92
CA PHE B 96 -6.29 0.13 6.72
C PHE B 96 -5.53 -0.42 5.53
N THR B 97 -6.24 -1.09 4.62
CA THR B 97 -5.61 -1.66 3.46
C THR B 97 -6.04 -0.99 2.17
N PHE B 98 -5.17 -1.16 1.18
CA PHE B 98 -5.29 -0.61 -0.15
C PHE B 98 -5.43 -1.74 -1.15
N GLY B 99 -6.10 -1.46 -2.26
CA GLY B 99 -6.12 -2.37 -3.38
C GLY B 99 -4.79 -2.33 -4.11
N PRO B 100 -4.63 -3.23 -5.08
CA PRO B 100 -3.30 -3.38 -5.73
C PRO B 100 -3.00 -2.32 -6.76
N GLY B 101 -3.99 -1.57 -7.17
CA GLY B 101 -3.83 -0.53 -8.18
C GLY B 101 -4.41 -0.95 -9.51
N THR B 102 -4.74 0.01 -10.36
CA THR B 102 -5.28 -0.23 -11.71
C THR B 102 -4.65 0.86 -12.57
N LYS B 103 -3.75 0.50 -13.46
CA LYS B 103 -3.05 1.49 -14.32
C LYS B 103 -3.90 1.80 -15.54
N VAL B 104 -4.04 3.08 -15.86
CA VAL B 104 -4.79 3.56 -17.03
C VAL B 104 -3.75 4.20 -17.95
N ASP B 105 -3.59 3.67 -19.16
CA ASP B 105 -2.54 4.13 -20.10
C ASP B 105 -3.18 4.70 -21.37
N ILE B 106 -2.40 5.30 -22.26
CA ILE B 106 -2.88 6.03 -23.47
C ILE B 106 -3.01 5.00 -24.57
N LYS B 107 -4.21 4.77 -25.11
CA LYS B 107 -4.39 3.85 -26.24
C LYS B 107 -3.64 4.33 -27.50
N ARG B 108 -3.10 3.36 -28.23
CA ARG B 108 -2.39 3.66 -29.48
C ARG B 108 -2.64 2.47 -30.40
N THR B 109 -2.37 2.63 -31.68
CA THR B 109 -2.45 1.49 -32.62
C THR B 109 -1.48 0.40 -32.16
N VAL B 110 -1.87 -0.84 -32.32
CA VAL B 110 -0.99 -1.97 -31.94
C VAL B 110 0.30 -1.88 -32.73
N ALA B 111 1.41 -2.17 -32.08
CA ALA B 111 2.74 -2.13 -32.66
C ALA B 111 3.52 -3.28 -32.05
N ALA B 112 4.01 -4.16 -32.90
CA ALA B 112 4.73 -5.32 -32.43
C ALA B 112 6.14 -4.92 -31.98
N PRO B 113 6.70 -5.60 -30.98
CA PRO B 113 8.07 -5.28 -30.58
C PRO B 113 9.05 -5.59 -31.68
N SER B 114 10.00 -4.69 -31.87
CA SER B 114 11.25 -5.03 -32.54
C SER B 114 12.13 -5.77 -31.52
N VAL B 115 12.45 -7.05 -31.80
CA VAL B 115 13.12 -7.92 -30.85
C VAL B 115 14.57 -8.06 -31.26
N PHE B 116 15.47 -7.83 -30.30
CA PHE B 116 16.90 -7.89 -30.49
C PHE B 116 17.52 -8.62 -29.30
N ILE B 117 18.67 -9.27 -29.52
CA ILE B 117 19.35 -9.99 -28.46
C ILE B 117 20.82 -9.64 -28.49
N PHE B 118 21.44 -9.63 -27.31
CA PHE B 118 22.83 -9.24 -27.17
C PHE B 118 23.57 -10.27 -26.35
N PRO B 119 24.59 -10.93 -26.90
CA PRO B 119 25.37 -11.89 -26.09
C PRO B 119 26.20 -11.16 -25.04
N PRO B 120 26.79 -11.90 -24.11
CA PRO B 120 27.66 -11.26 -23.12
C PRO B 120 28.92 -10.74 -23.77
N SER B 121 29.44 -9.62 -23.24
CA SER B 121 30.72 -9.10 -23.71
C SER B 121 31.86 -10.01 -23.26
N ASP B 122 32.99 -9.92 -23.99
CA ASP B 122 34.20 -10.58 -23.52
C ASP B 122 34.67 -9.98 -22.21
N GLU B 123 34.54 -8.66 -22.05
CA GLU B 123 34.93 -8.04 -20.78
C GLU B 123 34.16 -8.65 -19.62
N GLN B 124 32.84 -8.82 -19.75
CA GLN B 124 32.10 -9.43 -18.64
C GLN B 124 32.58 -10.85 -18.38
N LEU B 125 32.66 -11.67 -19.42
CA LEU B 125 32.99 -13.08 -19.21
C LEU B 125 34.34 -13.23 -18.50
N LYS B 126 35.32 -12.40 -18.84
CA LYS B 126 36.58 -12.44 -18.12
C LYS B 126 36.37 -12.40 -16.61
N SER B 127 35.32 -11.72 -16.16
CA SER B 127 35.06 -11.58 -14.74
C SER B 127 34.33 -12.79 -14.16
N GLY B 128 34.03 -13.81 -14.96
CA GLY B 128 33.39 -15.01 -14.44
C GLY B 128 31.88 -15.04 -14.49
N THR B 129 31.23 -14.07 -15.10
CA THR B 129 29.78 -14.06 -15.25
C THR B 129 29.38 -13.71 -16.68
N ALA B 130 28.16 -14.12 -17.04
CA ALA B 130 27.62 -13.89 -18.38
C ALA B 130 26.21 -13.34 -18.29
N SER B 131 25.96 -12.22 -18.95
CA SER B 131 24.64 -11.60 -19.02
C SER B 131 24.19 -11.54 -20.46
N VAL B 132 23.09 -12.22 -20.78
CA VAL B 132 22.46 -12.17 -22.09
C VAL B 132 21.24 -11.26 -22.00
N VAL B 133 21.09 -10.35 -22.96
CA VAL B 133 20.08 -9.30 -22.87
C VAL B 133 19.20 -9.32 -24.10
N CYS B 134 17.88 -9.37 -23.87
CA CYS B 134 16.85 -9.33 -24.89
C CYS B 134 16.07 -8.03 -24.79
N LEU B 135 15.95 -7.33 -25.91
CA LEU B 135 15.29 -6.02 -25.93
C LEU B 135 14.07 -6.12 -26.84
N LEU B 136 12.90 -5.78 -26.27
CA LEU B 136 11.68 -5.54 -27.02
C LEU B 136 11.49 -4.03 -27.14
N ASN B 137 11.63 -3.49 -28.34
CA ASN B 137 11.64 -2.05 -28.51
C ASN B 137 10.37 -1.56 -29.17
N ASN B 138 9.76 -0.54 -28.54
CA ASN B 138 8.75 0.33 -29.13
C ASN B 138 7.50 -0.46 -29.53
N PHE B 139 6.81 -0.94 -28.51
CA PHE B 139 5.65 -1.78 -28.74
C PHE B 139 4.44 -1.26 -27.96
N TYR B 140 3.26 -1.74 -28.36
CA TYR B 140 2.01 -1.30 -27.77
C TYR B 140 1.00 -2.38 -28.11
N PRO B 141 0.15 -2.90 -27.19
CA PRO B 141 0.07 -2.48 -25.78
C PRO B 141 1.16 -3.04 -24.86
N ARG B 142 1.13 -2.74 -23.56
CA ARG B 142 2.22 -3.10 -22.61
C ARG B 142 2.32 -4.61 -22.40
N GLU B 143 1.21 -5.29 -22.30
CA GLU B 143 1.19 -6.75 -22.10
C GLU B 143 2.17 -7.41 -23.06
N ALA B 144 3.19 -8.06 -22.54
CA ALA B 144 4.21 -8.75 -23.34
C ALA B 144 4.83 -9.84 -22.48
N LYS B 145 5.31 -10.90 -23.10
CA LYS B 145 5.86 -12.06 -22.39
C LYS B 145 7.19 -12.45 -23.01
N VAL B 146 8.25 -12.44 -22.21
CA VAL B 146 9.55 -12.94 -22.63
C VAL B 146 9.85 -14.25 -21.91
N GLN B 147 10.22 -15.27 -22.68
CA GLN B 147 10.64 -16.55 -22.16
C GLN B 147 12.05 -16.83 -22.65
N TRP B 148 12.99 -16.99 -21.73
CA TRP B 148 14.33 -17.45 -22.09
C TRP B 148 14.35 -18.96 -22.29
N LYS B 149 15.12 -19.40 -23.28
CA LYS B 149 15.33 -20.82 -23.52
C LYS B 149 16.82 -21.06 -23.74
N VAL B 150 17.38 -22.01 -23.01
CA VAL B 150 18.79 -22.38 -23.18
C VAL B 150 18.85 -23.80 -23.71
N ASP B 151 19.47 -24.04 -24.84
CA ASP B 151 19.45 -25.37 -25.51
C ASP B 151 18.00 -25.84 -25.64
N ASN B 152 17.06 -24.95 -25.86
CA ASN B 152 15.62 -25.25 -26.12
C ASN B 152 14.92 -25.71 -24.86
N ALA B 153 15.52 -25.56 -23.70
CA ALA B 153 14.88 -25.83 -22.41
C ALA B 153 14.37 -24.48 -21.93
N LEU B 154 13.15 -24.39 -21.44
CA LEU B 154 12.62 -23.14 -20.87
C LEU B 154 13.29 -22.83 -19.54
N GLN B 155 13.73 -21.59 -19.33
CA GLN B 155 14.83 -21.37 -18.39
C GLN B 155 14.46 -20.46 -17.22
N SER B 156 13.71 -20.99 -16.25
CA SER B 156 13.09 -20.12 -15.26
C SER B 156 13.95 -19.88 -14.02
N GLY B 157 13.61 -18.77 -13.35
CA GLY B 157 14.21 -18.37 -12.09
C GLY B 157 15.50 -17.58 -12.21
N ASN B 158 16.03 -17.36 -13.41
CA ASN B 158 17.34 -16.75 -13.59
C ASN B 158 17.34 -15.57 -14.57
N SER B 159 16.22 -14.86 -14.69
CA SER B 159 16.14 -13.64 -15.49
C SER B 159 15.40 -12.57 -14.71
N GLN B 160 15.63 -11.31 -15.11
CA GLN B 160 14.85 -10.19 -14.59
C GLN B 160 14.58 -9.21 -15.72
N GLU B 161 13.59 -8.35 -15.51
CA GLU B 161 12.90 -7.66 -16.58
C GLU B 161 12.50 -6.29 -16.07
N SER B 162 12.69 -5.26 -16.90
CA SER B 162 12.32 -3.86 -16.62
C SER B 162 11.55 -3.33 -17.82
N VAL B 163 10.52 -2.54 -17.63
CA VAL B 163 9.81 -1.85 -18.70
C VAL B 163 9.95 -0.35 -18.49
N THR B 164 10.16 0.38 -19.58
CA THR B 164 10.12 1.83 -19.54
C THR B 164 8.69 2.30 -19.29
N GLU B 165 8.55 3.59 -18.97
CA GLU B 165 7.24 4.22 -18.99
C GLU B 165 6.79 4.53 -20.42
N GLN B 166 5.49 4.74 -20.57
CA GLN B 166 4.91 5.03 -21.88
C GLN B 166 5.59 6.24 -22.51
N ASP B 167 5.98 6.11 -23.77
CA ASP B 167 6.73 7.19 -24.40
C ASP B 167 5.86 8.43 -24.60
N SER B 168 6.44 9.60 -24.30
CA SER B 168 5.71 10.86 -24.41
C SER B 168 5.43 11.22 -25.86
N LYS B 169 6.33 10.86 -26.77
CA LYS B 169 6.16 11.21 -28.18
C LYS B 169 5.21 10.25 -28.87
N ASP B 170 5.47 8.92 -28.83
CA ASP B 170 4.73 7.90 -29.63
C ASP B 170 3.92 6.91 -28.77
N SER B 171 3.85 7.07 -27.47
CA SER B 171 2.98 6.25 -26.59
C SER B 171 3.30 4.76 -26.70
N THR B 172 4.57 4.42 -26.88
CA THR B 172 5.04 3.02 -27.02
C THR B 172 5.79 2.61 -25.76
N TYR B 173 6.08 1.34 -25.59
CA TYR B 173 6.85 0.84 -24.44
C TYR B 173 8.07 0.08 -24.94
N SER B 174 9.07 -0.09 -24.16
CA SER B 174 10.22 -0.95 -24.44
C SER B 174 10.51 -1.75 -23.20
N LEU B 175 11.20 -2.88 -23.38
CA LEU B 175 11.40 -3.82 -22.29
C LEU B 175 12.76 -4.48 -22.46
N SER B 176 13.50 -4.47 -21.35
CA SER B 176 14.82 -5.09 -21.25
C SER B 176 14.68 -6.30 -20.35
N SER B 177 15.12 -7.45 -20.82
CA SER B 177 15.15 -8.66 -20.02
C SER B 177 16.58 -9.20 -20.02
N THR B 178 17.08 -9.52 -18.84
CA THR B 178 18.45 -10.00 -18.69
C THR B 178 18.44 -11.42 -18.14
N LEU B 179 19.15 -12.32 -18.82
CA LEU B 179 19.43 -13.66 -18.33
C LEU B 179 20.86 -13.68 -17.79
N THR B 180 21.02 -14.10 -16.54
CA THR B 180 22.34 -14.12 -15.87
C THR B 180 22.67 -15.55 -15.47
N LEU B 181 23.85 -15.98 -15.87
CA LEU B 181 24.35 -17.33 -15.59
C LEU B 181 25.84 -17.26 -15.27
N SER B 182 26.33 -18.17 -14.47
CA SER B 182 27.75 -18.40 -14.30
C SER B 182 28.39 -18.44 -15.67
N LYS B 183 29.59 -17.86 -15.81
CA LYS B 183 30.35 -18.14 -17.02
C LYS B 183 30.57 -19.64 -17.16
N ALA B 184 30.91 -20.31 -16.06
CA ALA B 184 31.09 -21.74 -16.09
C ALA B 184 29.87 -22.44 -16.71
N ASP B 185 28.67 -22.06 -16.27
CA ASP B 185 27.48 -22.69 -16.84
C ASP B 185 27.18 -22.17 -18.24
N TYR B 186 27.65 -20.97 -18.57
CA TYR B 186 27.37 -20.43 -19.89
C TYR B 186 28.07 -21.24 -20.97
N GLU B 187 29.28 -21.73 -20.68
CA GLU B 187 30.08 -22.51 -21.61
C GLU B 187 29.64 -23.96 -21.71
N LYS B 188 28.64 -24.38 -20.95
CA LYS B 188 28.18 -25.74 -21.04
C LYS B 188 26.91 -25.86 -21.87
N HIS B 189 26.46 -24.77 -22.49
CA HIS B 189 25.30 -24.79 -23.37
C HIS B 189 25.64 -24.08 -24.68
N LYS B 190 24.84 -24.33 -25.71
CA LYS B 190 25.15 -23.85 -27.05
C LYS B 190 24.22 -22.75 -27.55
N VAL B 191 22.91 -22.88 -27.33
CA VAL B 191 21.94 -22.01 -27.98
C VAL B 191 21.19 -21.21 -26.92
N TYR B 192 21.21 -19.91 -27.06
CA TYR B 192 20.49 -19.02 -26.15
C TYR B 192 19.45 -18.23 -26.93
N ALA B 193 18.20 -18.26 -26.44
CA ALA B 193 17.09 -17.75 -27.21
C ALA B 193 16.11 -16.98 -26.31
N CYS B 194 15.59 -15.89 -26.85
CA CYS B 194 14.56 -15.09 -26.22
C CYS B 194 13.28 -15.31 -27.02
N GLU B 195 12.22 -15.82 -26.39
CA GLU B 195 10.95 -16.07 -27.06
C GLU B 195 9.91 -15.05 -26.62
N VAL B 196 9.36 -14.30 -27.58
CA VAL B 196 8.50 -13.15 -27.29
C VAL B 196 7.09 -13.40 -27.79
N THR B 197 6.12 -13.26 -26.88
CA THR B 197 4.70 -13.34 -27.17
C THR B 197 4.09 -11.95 -26.99
N HIS B 198 3.39 -11.47 -28.00
CA HIS B 198 2.81 -10.14 -27.95
C HIS B 198 1.67 -10.05 -28.93
N GLN B 199 0.63 -9.34 -28.55
CA GLN B 199 -0.55 -9.22 -29.41
C GLN B 199 -0.20 -8.72 -30.79
N GLY B 200 0.81 -7.87 -30.90
CA GLY B 200 1.23 -7.41 -32.21
C GLY B 200 1.80 -8.49 -33.09
N LEU B 201 2.04 -9.68 -32.55
CA LEU B 201 2.75 -10.73 -33.26
C LEU B 201 1.80 -11.89 -33.59
N SER B 202 1.71 -12.22 -34.88
CA SER B 202 0.94 -13.38 -35.33
C SER B 202 1.20 -14.62 -34.47
N SER B 203 2.48 -14.91 -34.22
CA SER B 203 2.91 -16.09 -33.49
C SER B 203 4.15 -15.64 -32.68
N PRO B 204 4.42 -16.35 -31.58
CA PRO B 204 5.60 -15.96 -30.77
C PRO B 204 6.84 -15.93 -31.65
N VAL B 205 7.67 -14.89 -31.47
CA VAL B 205 8.91 -14.79 -32.24
C VAL B 205 10.11 -15.15 -31.36
N THR B 206 11.09 -15.82 -31.94
CA THR B 206 12.30 -16.18 -31.21
C THR B 206 13.52 -15.54 -31.82
N LYS B 207 14.32 -14.88 -30.99
CA LYS B 207 15.67 -14.50 -31.40
C LYS B 207 16.72 -15.27 -30.61
N SER B 208 17.75 -15.74 -31.30
CA SER B 208 18.75 -16.56 -30.65
C SER B 208 20.10 -16.37 -31.29
N PHE B 209 21.11 -16.87 -30.59
CA PHE B 209 22.47 -16.91 -31.08
C PHE B 209 23.12 -18.18 -30.51
N ASN B 210 24.17 -18.62 -31.18
CA ASN B 210 25.05 -19.66 -30.68
C ASN B 210 26.27 -19.03 -30.04
N ARG B 211 26.62 -19.54 -28.86
CA ARG B 211 27.92 -19.29 -28.26
C ARG B 211 29.00 -19.70 -29.25
N GLY B 212 29.89 -18.78 -29.57
CA GLY B 212 30.82 -19.03 -30.65
C GLY B 212 30.21 -18.76 -32.01
N GLU B 213 29.77 -17.53 -32.21
CA GLU B 213 29.16 -17.03 -33.43
C GLU B 213 29.46 -15.54 -33.46
N CYS B 214 29.85 -15.01 -34.61
CA CYS B 214 30.29 -13.61 -34.68
C CYS B 214 29.16 -12.64 -35.03
N SER C 6 -30.95 11.95 31.10
CA SER C 6 -31.47 11.25 29.89
C SER C 6 -30.95 9.81 29.84
N ILE C 7 -29.85 9.60 29.13
CA ILE C 7 -29.29 8.23 28.96
C ILE C 7 -28.23 7.98 30.03
N GLN C 8 -27.63 9.05 30.56
CA GLN C 8 -26.51 8.90 31.51
C GLN C 8 -26.89 7.94 32.65
N THR C 9 -28.04 8.17 33.24
CA THR C 9 -28.42 7.35 34.42
C THR C 9 -28.32 5.88 34.06
N THR C 10 -28.99 5.51 32.99
CA THR C 10 -29.05 4.11 32.55
C THR C 10 -27.65 3.55 32.34
N VAL C 11 -26.77 4.34 31.71
CA VAL C 11 -25.41 3.86 31.44
C VAL C 11 -24.69 3.57 32.75
N ASN C 12 -24.60 4.57 33.63
CA ASN C 12 -24.05 4.35 34.97
C ASN C 12 -24.72 3.18 35.63
N THR C 13 -26.05 3.21 35.72
CA THR C 13 -26.77 2.10 36.32
C THR C 13 -26.38 0.79 35.64
N LEU C 14 -26.37 0.78 34.30
CA LEU C 14 -25.84 -0.36 33.55
C LEU C 14 -24.42 -0.70 34.00
N SER C 15 -23.54 0.27 33.96
CA SER C 15 -22.12 -0.04 34.26
C SER C 15 -22.01 -0.68 35.64
N GLU C 16 -22.73 -0.11 36.61
CA GLU C 16 -22.63 -0.59 38.01
C GLU C 16 -23.12 -2.03 38.10
N ARG C 17 -24.34 -2.31 37.65
CA ARG C 17 -24.74 -3.70 37.66
C ARG C 17 -23.72 -4.56 36.94
N ILE C 18 -23.05 -4.01 35.95
CA ILE C 18 -22.14 -4.90 35.17
C ILE C 18 -20.99 -5.30 36.10
N SER C 19 -20.40 -4.31 36.76
CA SER C 19 -19.27 -4.61 37.68
C SER C 19 -19.80 -5.34 38.91
N SER C 20 -20.93 -4.91 39.44
CA SER C 20 -21.43 -5.56 40.68
C SER C 20 -21.63 -7.04 40.40
N LYS C 21 -22.14 -7.34 39.22
CA LYS C 21 -22.44 -8.74 38.91
C LYS C 21 -21.22 -9.49 38.38
N LEU C 22 -20.23 -8.78 37.84
CA LEU C 22 -18.96 -9.40 37.48
C LEU C 22 -18.20 -9.93 38.68
N GLU C 23 -18.30 -9.23 39.81
CA GLU C 23 -17.70 -9.73 41.05
C GLU C 23 -18.55 -10.86 41.63
N GLN C 24 -19.83 -10.56 41.93
CA GLN C 24 -20.69 -11.50 42.64
C GLN C 24 -20.80 -12.85 41.92
N GLU C 25 -20.64 -12.86 40.60
CA GLU C 25 -20.80 -14.10 39.83
C GLU C 25 -19.52 -14.52 39.12
N ALA C 26 -18.93 -13.63 38.31
CA ALA C 26 -17.70 -13.97 37.62
C ALA C 26 -16.51 -14.10 38.56
N ASN C 27 -16.67 -13.58 39.77
CA ASN C 27 -15.57 -13.75 40.75
C ASN C 27 -14.33 -13.07 40.19
N ALA C 28 -14.44 -11.76 39.98
CA ALA C 28 -13.34 -10.97 39.40
C ALA C 28 -12.96 -9.85 40.35
N SER C 29 -11.88 -9.17 40.02
CA SER C 29 -11.39 -8.07 40.86
C SER C 29 -10.48 -7.19 40.02
N ALA C 30 -10.53 -5.89 40.26
CA ALA C 30 -9.61 -4.99 39.56
C ALA C 30 -8.20 -5.56 39.67
N GLN C 31 -7.96 -6.36 40.71
CA GLN C 31 -6.58 -6.83 40.95
C GLN C 31 -6.35 -8.10 40.14
N THR C 32 -7.38 -8.55 39.43
CA THR C 32 -7.21 -9.85 38.72
C THR C 32 -6.44 -9.62 37.42
N LYS C 33 -5.57 -10.55 37.05
CA LYS C 33 -4.74 -10.39 35.84
C LYS C 33 -5.66 -10.38 34.62
N CYS C 34 -5.56 -9.35 33.80
CA CYS C 34 -6.41 -9.22 32.59
C CYS C 34 -5.80 -10.01 31.43
N ASP C 35 -6.42 -11.10 31.03
CA ASP C 35 -5.92 -11.92 29.88
C ASP C 35 -5.95 -11.05 28.63
N ILE C 36 -7.01 -10.28 28.45
CA ILE C 36 -7.09 -9.37 27.28
C ILE C 36 -7.30 -7.96 27.85
N GLU C 37 -6.72 -6.97 27.20
CA GLU C 37 -6.82 -5.60 27.69
C GLU C 37 -7.17 -4.68 26.53
N ILE C 38 -7.97 -3.65 26.80
CA ILE C 38 -8.47 -2.77 25.75
C ILE C 38 -7.42 -1.71 25.43
N GLY C 39 -7.10 -1.57 24.15
CA GLY C 39 -5.99 -0.70 23.77
C GLY C 39 -6.38 0.74 23.57
N ASN C 40 -7.20 0.99 22.53
CA ASN C 40 -7.67 2.36 22.23
C ASN C 40 -9.15 2.33 21.88
N PHE C 41 -9.86 3.43 22.14
CA PHE C 41 -11.30 3.55 21.88
C PHE C 41 -11.53 4.62 20.81
N TYR C 42 -11.81 4.20 19.59
CA TYR C 42 -11.93 5.08 18.44
C TYR C 42 -13.40 5.42 18.27
N ILE C 43 -13.72 6.71 18.34
CA ILE C 43 -15.06 7.21 18.02
C ILE C 43 -14.91 8.04 16.74
N ARG C 44 -15.60 7.62 15.68
CA ARG C 44 -15.49 8.32 14.40
C ARG C 44 -16.02 9.76 14.48
N GLN C 45 -17.12 9.96 15.20
CA GLN C 45 -17.69 11.30 15.42
C GLN C 45 -18.03 11.50 16.91
N ASN C 46 -17.14 12.10 17.68
CA ASN C 46 -17.40 12.37 19.11
C ASN C 46 -17.97 13.78 19.25
N HIS C 47 -19.15 13.87 19.85
CA HIS C 47 -19.81 15.18 20.05
C HIS C 47 -20.23 15.27 21.51
N GLY C 48 -19.40 14.77 22.41
CA GLY C 48 -19.69 14.96 23.84
C GLY C 48 -19.56 13.70 24.68
N CYS C 49 -18.66 12.81 24.34
CA CYS C 49 -18.63 11.56 25.14
C CYS C 49 -17.23 11.30 25.69
N ASN C 50 -17.12 11.12 27.00
CA ASN C 50 -15.83 10.75 27.60
C ASN C 50 -15.97 9.28 27.94
N ILE C 51 -15.23 8.45 27.22
CA ILE C 51 -15.37 7.00 27.41
C ILE C 51 -14.10 6.46 28.06
N THR C 52 -14.22 5.93 29.26
CA THR C 52 -13.08 5.38 29.99
C THR C 52 -13.21 3.85 30.08
N VAL C 53 -12.06 3.19 30.18
CA VAL C 53 -12.03 1.71 30.32
C VAL C 53 -11.77 1.38 31.78
N LYS C 54 -12.41 0.34 32.29
CA LYS C 54 -12.20 -0.08 33.70
C LYS C 54 -12.03 -1.60 33.66
N ASN C 55 -11.05 -2.11 34.37
CA ASN C 55 -10.73 -3.55 34.30
C ASN C 55 -11.41 -4.34 35.41
N MET C 56 -12.32 -5.23 35.07
CA MET C 56 -12.97 -6.15 36.04
C MET C 56 -12.72 -7.52 35.44
N CYS C 57 -11.44 -7.86 35.30
CA CYS C 57 -11.09 -9.09 34.58
C CYS C 57 -11.28 -10.33 35.43
N SER C 58 -11.57 -11.46 34.80
CA SER C 58 -11.81 -12.72 35.53
C SER C 58 -11.43 -13.87 34.61
N ALA C 59 -12.10 -15.02 34.74
CA ALA C 59 -11.84 -16.13 33.78
C ALA C 59 -13.06 -17.03 33.65
N ALA C 61 -15.53 -16.71 31.48
CA ALA C 61 -16.01 -15.94 30.32
C ALA C 61 -17.50 -16.20 30.15
N ASP C 62 -17.90 -17.43 30.38
CA ASP C 62 -19.31 -17.76 30.13
C ASP C 62 -20.13 -17.09 31.23
N ALA C 63 -19.54 -16.97 32.42
CA ALA C 63 -20.23 -16.23 33.50
C ALA C 63 -20.09 -14.75 33.16
N GLN C 64 -18.94 -14.35 32.66
CA GLN C 64 -18.79 -12.96 32.18
C GLN C 64 -19.95 -12.72 31.22
N LEU C 65 -20.11 -13.61 30.27
CA LEU C 65 -21.17 -13.41 29.25
C LEU C 65 -22.50 -13.53 29.98
N ASP C 66 -22.63 -14.56 30.78
CA ASP C 66 -23.94 -14.78 31.43
C ASP C 66 -24.13 -13.60 32.36
N ALA C 67 -23.04 -13.09 32.92
CA ALA C 67 -23.23 -12.02 33.91
C ALA C 67 -23.66 -10.73 33.21
N VAL C 68 -23.05 -10.46 32.06
CA VAL C 68 -23.36 -9.17 31.38
C VAL C 68 -24.80 -9.23 30.88
N LEU C 69 -25.22 -10.39 30.42
CA LEU C 69 -26.63 -10.51 30.01
C LEU C 69 -27.54 -10.14 31.16
N SER C 70 -27.22 -10.55 32.38
CA SER C 70 -28.14 -10.30 33.52
C SER C 70 -28.37 -8.81 33.72
N ALA C 71 -27.29 -8.04 33.83
CA ALA C 71 -27.44 -6.61 34.14
C ALA C 71 -28.12 -5.86 33.01
N ALA C 72 -27.93 -6.31 31.78
CA ALA C 72 -28.61 -5.68 30.64
C ALA C 72 -30.10 -5.93 30.77
N THR C 73 -30.47 -7.18 30.86
CA THR C 73 -31.90 -7.56 31.03
C THR C 73 -32.51 -6.78 32.18
N GLU C 74 -31.83 -6.80 33.33
CA GLU C 74 -32.39 -6.14 34.52
C GLU C 74 -32.45 -4.67 34.26
N THR C 75 -31.46 -4.17 33.52
CA THR C 75 -31.43 -2.70 33.33
C THR C 75 -32.53 -2.29 32.34
N TYR C 76 -32.76 -3.11 31.33
CA TYR C 76 -33.83 -2.84 30.36
C TYR C 76 -35.18 -2.91 31.07
N SER C 77 -35.32 -3.89 31.95
CA SER C 77 -36.59 -4.09 32.68
C SER C 77 -36.88 -2.86 33.53
N GLY C 78 -35.85 -2.31 34.16
CA GLY C 78 -36.01 -1.13 35.01
C GLY C 78 -36.49 0.06 34.26
N LEU C 79 -36.21 0.08 32.96
CA LEU C 79 -36.53 1.27 32.17
C LEU C 79 -38.04 1.48 32.21
N THR C 80 -38.47 2.72 32.13
CA THR C 80 -39.93 2.96 32.05
C THR C 80 -40.41 2.40 30.71
N PRO C 81 -41.55 1.69 30.63
CA PRO C 81 -42.06 1.21 29.33
C PRO C 81 -42.00 2.26 28.22
N GLU C 82 -42.30 3.52 28.50
CA GLU C 82 -42.21 4.55 27.47
C GLU C 82 -40.78 4.92 27.12
N GLN C 83 -39.84 4.74 28.05
CA GLN C 83 -38.44 4.79 27.65
C GLN C 83 -38.13 3.55 26.86
N LYS C 84 -38.46 2.38 27.41
CA LYS C 84 -38.02 1.12 26.74
C LYS C 84 -38.47 1.06 25.28
N ALA C 85 -39.54 1.74 24.92
CA ALA C 85 -39.91 1.74 23.48
C ALA C 85 -38.81 2.29 22.55
N TYR C 86 -37.80 2.99 23.08
CA TYR C 86 -36.74 3.54 22.23
C TYR C 86 -35.67 2.51 21.88
N VAL C 87 -35.65 1.38 22.58
CA VAL C 87 -34.54 0.44 22.50
C VAL C 87 -34.56 -0.30 21.15
N PRO C 88 -35.72 -0.70 20.63
CA PRO C 88 -35.72 -1.36 19.30
C PRO C 88 -35.18 -0.52 18.17
N ALA C 89 -35.52 0.76 18.08
CA ALA C 89 -34.90 1.62 17.07
C ALA C 89 -33.38 1.55 17.15
N MET C 90 -32.83 1.45 18.35
CA MET C 90 -31.39 1.45 18.44
C MET C 90 -30.80 0.06 18.26
N PHE C 91 -31.61 -0.97 18.37
CA PHE C 91 -31.19 -2.29 17.90
C PHE C 91 -30.99 -2.30 16.39
N THR C 92 -31.93 -1.69 15.66
CA THR C 92 -31.78 -1.69 14.21
C THR C 92 -30.57 -0.89 13.81
N ALA C 93 -30.41 0.31 14.38
CA ALA C 93 -29.35 1.21 13.97
C ALA C 93 -27.99 0.66 14.39
N ALA C 94 -27.88 0.19 15.63
CA ALA C 94 -26.55 -0.20 16.12
C ALA C 94 -26.17 -1.61 15.69
N LEU C 95 -27.11 -2.55 15.68
CA LEU C 95 -26.78 -3.94 15.39
C LEU C 95 -27.48 -4.51 14.16
N ASN C 96 -28.27 -3.71 13.44
CA ASN C 96 -28.99 -4.24 12.30
C ASN C 96 -29.86 -5.42 12.73
N ILE C 97 -30.39 -5.35 13.93
CA ILE C 97 -31.30 -6.37 14.44
C ILE C 97 -32.71 -5.85 14.39
N GLN C 98 -33.62 -6.69 13.92
CA GLN C 98 -35.06 -6.43 13.93
C GLN C 98 -35.59 -6.98 15.26
N THR C 99 -36.29 -6.13 16.02
CA THR C 99 -36.77 -6.57 17.33
C THR C 99 -37.83 -5.61 17.83
N SER C 100 -38.48 -6.00 18.92
CA SER C 100 -39.52 -5.21 19.56
C SER C 100 -39.37 -5.29 21.07
N VAL C 101 -40.14 -4.46 21.77
CA VAL C 101 -40.03 -4.34 23.22
C VAL C 101 -40.09 -5.72 23.88
N ASN C 102 -41.08 -6.54 23.50
CA ASN C 102 -41.23 -7.83 24.15
C ASN C 102 -40.15 -8.81 23.76
N THR C 103 -39.43 -8.56 22.67
CA THR C 103 -38.45 -9.52 22.20
C THR C 103 -37.02 -9.07 22.47
N VAL C 104 -36.84 -7.87 23.04
CA VAL C 104 -35.51 -7.33 23.29
C VAL C 104 -34.63 -8.36 23.98
N VAL C 105 -35.07 -8.83 25.16
CA VAL C 105 -34.22 -9.68 25.99
C VAL C 105 -33.78 -10.92 25.22
N ARG C 106 -34.72 -11.57 24.53
CA ARG C 106 -34.38 -12.78 23.78
C ARG C 106 -33.48 -12.46 22.60
N ASP C 107 -33.85 -11.45 21.81
CA ASP C 107 -33.11 -11.16 20.58
C ASP C 107 -31.67 -10.75 20.89
N PHE C 108 -31.50 -9.78 21.78
CA PHE C 108 -30.15 -9.44 22.25
C PHE C 108 -29.45 -10.67 22.76
N GLU C 109 -30.14 -11.44 23.60
CA GLU C 109 -29.52 -12.67 24.17
C GLU C 109 -28.94 -13.49 23.04
N ASN C 110 -29.77 -13.84 22.10
CA ASN C 110 -29.27 -14.68 21.01
C ASN C 110 -28.26 -13.94 20.13
N TYR C 111 -28.38 -12.62 19.99
CA TYR C 111 -27.39 -11.90 19.20
C TYR C 111 -26.01 -12.07 19.81
N VAL C 112 -25.90 -11.87 21.13
CA VAL C 112 -24.61 -12.00 21.81
C VAL C 112 -24.16 -13.46 21.84
N LYS C 113 -25.11 -14.35 22.06
CA LYS C 113 -24.78 -15.78 22.08
C LYS C 113 -24.25 -16.16 20.70
N GLN C 114 -24.90 -15.69 19.67
CA GLN C 114 -24.47 -16.09 18.34
C GLN C 114 -23.22 -15.33 17.91
N THR C 115 -23.25 -14.01 18.01
CA THR C 115 -22.14 -13.19 17.53
C THR C 115 -20.87 -13.49 18.30
N CYS C 116 -20.94 -13.42 19.62
CA CYS C 116 -19.73 -13.49 20.50
C CYS C 116 -19.14 -14.87 20.73
N ASN C 117 -19.85 -15.94 20.38
CA ASN C 117 -19.34 -17.31 20.53
C ASN C 117 -18.78 -17.76 19.19
N SER C 118 -18.40 -16.81 18.35
CA SER C 118 -17.90 -17.14 17.00
C SER C 118 -16.36 -17.21 17.00
N SER C 119 -15.79 -18.00 16.09
CA SER C 119 -14.33 -18.16 16.09
C SER C 119 -13.68 -16.78 16.15
N ALA C 120 -14.00 -15.92 15.18
CA ALA C 120 -13.36 -14.58 15.13
C ALA C 120 -13.13 -14.05 16.55
N VAL C 121 -14.04 -14.32 17.47
CA VAL C 121 -13.91 -13.75 18.85
C VAL C 121 -12.96 -14.62 19.67
N VAL C 122 -13.41 -15.80 20.10
CA VAL C 122 -12.59 -16.70 20.98
C VAL C 122 -11.19 -16.93 20.40
N ASP C 123 -11.10 -17.23 19.11
CA ASP C 123 -9.78 -17.56 18.52
C ASP C 123 -9.14 -16.32 17.90
N ASN C 124 -8.75 -15.32 18.70
CA ASN C 124 -8.06 -14.11 18.15
C ASN C 124 -6.80 -13.85 18.97
N LYS C 125 -5.68 -13.57 18.30
CA LYS C 125 -4.42 -13.45 19.07
C LYS C 125 -4.01 -11.99 19.22
N LEU C 126 -4.67 -11.30 20.14
CA LEU C 126 -4.29 -9.90 20.44
C LEU C 126 -4.76 -9.65 21.87
N LYS C 127 -3.82 -9.40 22.75
CA LYS C 127 -4.15 -9.13 24.18
C LYS C 127 -4.54 -7.67 24.34
N ILE C 128 -4.22 -6.85 23.33
CA ILE C 128 -4.64 -5.45 23.39
C ILE C 128 -5.54 -5.20 22.20
N GLN C 129 -6.84 -5.09 22.47
CA GLN C 129 -7.84 -4.99 21.42
C GLN C 129 -8.44 -3.58 21.42
N ASN C 130 -8.63 -3.06 20.22
CA ASN C 130 -9.23 -1.75 20.01
C ASN C 130 -10.73 -1.84 19.85
N VAL C 131 -11.38 -0.69 19.93
CA VAL C 131 -12.82 -0.57 19.72
C VAL C 131 -13.04 0.62 18.80
N ILE C 132 -13.89 0.46 17.79
CA ILE C 132 -14.30 1.56 16.91
C ILE C 132 -15.80 1.76 17.05
N ILE C 133 -16.21 3.00 17.28
CA ILE C 133 -17.61 3.39 17.43
C ILE C 133 -17.90 4.52 16.44
N ASP C 134 -19.00 4.40 15.70
CA ASP C 134 -19.28 5.36 14.65
C ASP C 134 -19.44 6.76 15.24
N GLU C 135 -20.12 6.87 16.37
CA GLU C 135 -20.83 8.09 16.70
C GLU C 135 -21.15 8.14 18.19
N CYS C 136 -21.14 9.34 18.74
CA CYS C 136 -21.55 9.52 20.13
C CYS C 136 -21.79 10.99 20.41
N TYR C 137 -22.91 11.30 21.05
CA TYR C 137 -23.28 12.68 21.36
C TYR C 137 -23.34 12.90 22.86
N GLY C 138 -23.15 14.15 23.24
CA GLY C 138 -23.24 14.54 24.65
C GLY C 138 -24.12 15.77 24.78
N ALA C 139 -24.62 16.01 25.98
CA ALA C 139 -25.53 17.16 26.16
C ALA C 139 -24.69 18.44 26.23
N PRO C 140 -25.12 19.55 25.62
CA PRO C 140 -24.32 20.76 25.61
C PRO C 140 -24.05 21.20 27.05
N GLY C 141 -22.79 21.14 27.49
CA GLY C 141 -22.47 21.44 28.91
C GLY C 141 -22.41 20.16 29.73
N SER C 142 -23.20 19.17 29.36
CA SER C 142 -23.23 17.87 30.08
C SER C 142 -22.72 16.74 29.19
N PRO C 143 -21.43 16.35 29.27
CA PRO C 143 -20.88 15.34 28.39
C PRO C 143 -21.25 13.91 28.83
N THR C 144 -21.77 13.08 27.93
CA THR C 144 -22.01 11.68 28.29
C THR C 144 -20.70 11.03 28.70
N ASN C 145 -20.72 10.45 29.88
CA ASN C 145 -19.48 9.80 30.38
C ASN C 145 -19.79 8.31 30.49
N MET C 146 -18.97 7.48 29.88
CA MET C 146 -19.30 6.05 29.85
C MET C 146 -18.06 5.23 30.14
N GLU C 147 -18.26 4.01 30.61
CA GLU C 147 -17.14 3.14 30.98
C GLU C 147 -17.24 1.81 30.23
N PHE C 148 -16.13 1.31 29.71
CA PHE C 148 -16.08 0.03 29.01
C PHE C 148 -15.52 -1.02 29.96
N ILE C 149 -16.36 -1.84 30.54
CA ILE C 149 -15.83 -2.81 31.54
C ILE C 149 -15.08 -3.95 30.82
N ASN C 150 -13.77 -4.03 31.03
CA ASN C 150 -12.94 -5.07 30.37
C ASN C 150 -13.08 -6.41 31.09
N THR C 151 -14.09 -7.16 30.70
CA THR C 151 -14.25 -8.49 31.27
C THR C 151 -12.96 -9.29 31.24
N GLY C 152 -12.09 -9.03 30.27
CA GLY C 152 -10.81 -9.69 30.20
C GLY C 152 -10.70 -10.76 29.15
N SER C 153 -11.82 -11.12 28.49
CA SER C 153 -11.83 -12.10 27.42
C SER C 153 -12.46 -11.50 26.17
N SER C 154 -12.00 -11.95 25.00
CA SER C 154 -12.65 -11.58 23.76
C SER C 154 -14.17 -11.74 23.88
N LYS C 155 -14.59 -12.92 24.34
CA LYS C 155 -16.01 -13.23 24.41
C LYS C 155 -16.75 -12.17 25.21
N GLY C 156 -16.30 -11.91 26.44
CA GLY C 156 -16.98 -10.94 27.28
C GLY C 156 -16.95 -9.54 26.70
N ASN C 157 -15.80 -9.15 26.15
CA ASN C 157 -15.69 -7.83 25.55
C ASN C 157 -16.65 -7.66 24.37
N CYS C 158 -16.88 -8.72 23.61
CA CYS C 158 -17.86 -8.68 22.53
C CYS C 158 -19.21 -8.23 23.03
N ALA C 159 -19.71 -8.88 24.09
CA ALA C 159 -20.95 -8.43 24.72
C ALA C 159 -20.81 -6.99 25.24
N ILE C 160 -19.68 -6.64 25.85
CA ILE C 160 -19.52 -5.25 26.27
C ILE C 160 -19.68 -4.34 25.06
N LYS C 161 -18.98 -4.67 23.97
CA LYS C 161 -19.03 -3.88 22.75
C LYS C 161 -20.47 -3.73 22.26
N ALA C 162 -21.14 -4.86 21.99
CA ALA C 162 -22.53 -4.79 21.57
C ALA C 162 -23.34 -3.86 22.48
N LEU C 163 -23.10 -3.95 23.78
CA LEU C 163 -23.87 -3.11 24.69
C LEU C 163 -23.46 -1.65 24.54
N MET C 164 -22.18 -1.40 24.27
CA MET C 164 -21.68 -0.04 24.04
C MET C 164 -22.20 0.54 22.72
N GLN C 165 -22.29 -0.28 21.66
CA GLN C 165 -22.84 0.20 20.40
C GLN C 165 -24.28 0.64 20.60
N LEU C 166 -25.02 -0.05 21.44
CA LEU C 166 -26.41 0.39 21.74
C LEU C 166 -26.38 1.68 22.55
N THR C 167 -25.47 1.77 23.52
CA THR C 167 -25.38 2.97 24.34
C THR C 167 -25.11 4.21 23.49
N THR C 168 -23.99 4.18 22.76
CA THR C 168 -23.65 5.33 21.93
C THR C 168 -24.75 5.61 20.92
N LYS C 169 -25.32 4.56 20.33
CA LYS C 169 -26.39 4.83 19.38
C LYS C 169 -27.52 5.60 20.04
N ALA C 170 -27.76 5.36 21.33
CA ALA C 170 -28.86 6.04 22.02
C ALA C 170 -28.68 7.55 22.04
N THR C 171 -27.44 8.04 22.13
CA THR C 171 -27.22 9.47 22.33
C THR C 171 -27.58 10.31 21.11
N THR C 172 -27.78 9.69 19.96
CA THR C 172 -28.21 10.44 18.80
C THR C 172 -29.53 11.13 19.13
#